data_3X2M
#
_entry.id   3X2M
#
_cell.length_a   45.938
_cell.length_b   57.554
_cell.length_c   63.431
_cell.angle_alpha   90.00
_cell.angle_beta   90.00
_cell.angle_gamma   90.00
#
_symmetry.space_group_name_H-M   'P 21 21 21'
#
loop_
_entity.id
_entity.type
_entity.pdbx_description
1 polymer 'Endoglucanase V-like protein'
2 branched beta-D-glucopyranose-(1-4)-beta-D-glucopyranose-(1-4)-beta-D-glucopyranose-(1-4)-beta-D-glucopyranose-(1-4)-alpha-D-glucopyranose
3 branched beta-D-glucopyranose-(1-4)-beta-D-glucopyranose-(1-4)-beta-D-glucopyranose-(1-4)-beta-D-glucopyranose-(1-4)-beta-D-glucopyranose
4 water water
#
_entity_poly.entity_id   1
_entity_poly.type   'polypeptide(L)'
_entity_poly.pdbx_seq_one_letter_code
;ATGGYVQQATGQASFTMYSGCGSPACGKAASGFTAAINQLAFGSAPGLGAGDACGRCFALTGNHDPYSPNYTGPFGQTIV
VKVTDLCPVQGNQEFCGQTTSNPTNQHGMPFHFDICEDTGGSAKFFPSGHGALTGTFTEVSCSQWSGSDGGQLWNGACLS
GETAPNWPSTACGNKGTAPS
;
_entity_poly.pdbx_strand_id   A
#
# COMPACT_ATOMS: atom_id res chain seq x y z
N ALA A 1 0.79 16.26 -2.08
N ALA A 1 0.26 16.22 -2.20
CA ALA A 1 -0.26 16.13 -3.08
CA ALA A 1 -0.67 16.24 -3.31
C ALA A 1 -1.50 16.79 -2.57
C ALA A 1 -1.95 16.95 -2.88
N THR A 2 -2.44 16.95 -3.51
N THR A 2 -2.88 17.13 -3.81
CA THR A 2 -3.72 17.57 -3.25
CA THR A 2 -4.19 17.67 -3.49
C THR A 2 -4.39 16.87 -2.07
C THR A 2 -4.78 16.89 -2.30
N GLY A 3 -5.07 17.67 -1.26
N GLY A 3 -5.27 17.63 -1.31
CA GLY A 3 -5.74 17.17 -0.07
CA GLY A 3 -5.75 17.03 -0.07
C GLY A 3 -4.74 17.09 1.08
C GLY A 3 -4.72 16.96 1.05
N GLY A 4 -3.47 17.34 0.76
CA GLY A 4 -2.42 17.28 1.76
C GLY A 4 -1.82 15.88 1.94
N TYR A 5 -2.27 14.92 1.14
CA TYR A 5 -1.75 13.56 1.20
C TYR A 5 -0.27 13.56 0.83
N VAL A 6 0.48 12.65 1.47
CA VAL A 6 1.90 12.50 1.20
C VAL A 6 2.06 11.30 0.29
N GLN A 7 2.32 11.61 -0.98
CA GLN A 7 2.32 10.65 -2.07
C GLN A 7 3.63 10.81 -2.82
N GLN A 8 4.61 9.98 -2.48
CA GLN A 8 5.93 10.02 -3.07
C GLN A 8 6.17 8.70 -3.79
N ALA A 9 6.83 8.79 -4.93
CA ALA A 9 7.05 7.60 -5.75
C ALA A 9 8.10 6.67 -5.18
N THR A 10 8.96 7.15 -4.29
CA THR A 10 9.94 6.30 -3.66
C THR A 10 10.13 6.73 -2.22
N GLY A 11 10.56 5.78 -1.39
CA GLY A 11 10.79 6.10 -0.01
C GLY A 11 11.00 4.85 0.82
N GLN A 12 10.91 5.06 2.13
CA GLN A 12 11.00 4.01 3.11
C GLN A 12 9.60 3.66 3.62
N ALA A 13 9.38 2.38 3.85
CA ALA A 13 8.09 1.90 4.34
C ALA A 13 8.29 0.75 5.30
N SER A 14 7.28 0.58 6.16
CA SER A 14 7.07 -0.68 6.84
C SER A 14 6.10 -1.56 6.03
N PHE A 15 6.08 -2.84 6.42
CA PHE A 15 5.37 -3.88 5.69
C PHE A 15 4.76 -4.87 6.66
N THR A 16 3.49 -5.20 6.43
CA THR A 16 2.80 -6.28 7.11
C THR A 16 2.04 -7.11 6.06
N MET A 17 1.34 -8.14 6.51
N MET A 17 1.34 -8.13 6.53
CA MET A 17 0.46 -8.91 5.65
CA MET A 17 0.46 -8.94 5.68
C MET A 17 -0.95 -8.86 6.23
C MET A 17 -0.96 -8.98 6.24
N TYR A 18 -1.93 -9.01 5.35
CA TYR A 18 -3.33 -9.08 5.76
C TYR A 18 -4.11 -10.06 4.91
N SER A 19 -5.26 -10.46 5.46
CA SER A 19 -6.17 -11.37 4.79
CA SER A 19 -6.15 -11.37 4.78
CA SER A 19 -6.16 -11.38 4.79
C SER A 19 -7.43 -10.67 4.33
N GLY A 20 -7.91 -11.08 3.16
CA GLY A 20 -9.21 -10.64 2.69
C GLY A 20 -9.17 -9.34 1.91
N CYS A 21 -8.58 -9.39 0.72
CA CYS A 21 -8.46 -8.19 -0.12
C CYS A 21 -9.39 -8.20 -1.33
N GLY A 22 -10.43 -9.02 -1.30
CA GLY A 22 -11.31 -9.16 -2.44
C GLY A 22 -12.36 -8.09 -2.64
N SER A 23 -12.56 -7.23 -1.67
N SER A 23 -12.55 -7.26 -1.62
CA SER A 23 -13.49 -6.13 -1.87
CA SER A 23 -13.48 -6.12 -1.62
C SER A 23 -12.89 -4.87 -1.25
C SER A 23 -12.76 -4.89 -1.09
N PRO A 24 -11.79 -4.38 -1.86
CA PRO A 24 -10.93 -3.37 -1.27
C PRO A 24 -11.40 -1.94 -1.55
N ALA A 25 -10.72 -0.98 -0.93
CA ALA A 25 -11.20 0.41 -0.90
C ALA A 25 -11.17 1.10 -2.26
N CYS A 26 -10.34 0.64 -3.19
CA CYS A 26 -10.38 1.23 -4.53
C CYS A 26 -11.61 0.79 -5.32
N GLY A 27 -12.27 -0.29 -4.89
CA GLY A 27 -13.48 -0.74 -5.55
C GLY A 27 -13.28 -1.77 -6.65
N LYS A 28 -12.02 -2.18 -6.84
N LYS A 28 -12.02 -2.16 -6.88
CA LYS A 28 -11.67 -3.30 -7.72
CA LYS A 28 -11.69 -3.31 -7.71
C LYS A 28 -10.52 -4.06 -7.08
C LYS A 28 -10.58 -4.04 -6.98
N ALA A 29 -10.70 -5.37 -6.93
CA ALA A 29 -9.60 -6.23 -6.52
C ALA A 29 -8.73 -6.51 -7.74
N ALA A 30 -7.70 -7.35 -7.57
CA ALA A 30 -6.92 -7.81 -8.70
C ALA A 30 -6.31 -9.15 -8.37
N SER A 31 -6.01 -9.92 -9.40
CA SER A 31 -5.53 -11.27 -9.22
C SER A 31 -4.05 -11.37 -8.92
N GLY A 32 -3.29 -10.35 -9.30
CA GLY A 32 -1.87 -10.29 -9.00
C GLY A 32 -1.63 -9.90 -7.55
N PHE A 33 -0.36 -9.68 -7.21
CA PHE A 33 -0.02 -9.28 -5.87
C PHE A 33 -0.56 -7.87 -5.62
N THR A 34 -1.21 -7.68 -4.48
CA THR A 34 -1.80 -6.39 -4.17
C THR A 34 -1.48 -5.99 -2.74
N ALA A 35 -1.60 -4.69 -2.50
CA ALA A 35 -1.42 -4.16 -1.16
C ALA A 35 -2.44 -3.08 -0.86
N ALA A 36 -2.60 -2.87 0.44
CA ALA A 36 -3.17 -1.66 0.98
C ALA A 36 -2.02 -0.72 1.34
N ILE A 37 -2.25 0.58 1.17
CA ILE A 37 -1.25 1.57 1.58
C ILE A 37 -1.87 2.46 2.66
N ASN A 38 -1.03 2.98 3.54
CA ASN A 38 -1.50 3.81 4.63
C ASN A 38 -2.31 5.00 4.09
N GLN A 39 -3.30 5.42 4.90
CA GLN A 39 -4.24 6.47 4.52
C GLN A 39 -3.58 7.75 4.00
N LEU A 40 -2.52 8.20 4.66
CA LEU A 40 -1.88 9.45 4.26
C LEU A 40 -1.35 9.39 2.82
N ALA A 41 -1.00 8.19 2.35
CA ALA A 41 -0.57 7.98 0.97
C ALA A 41 -1.70 7.52 0.06
N PHE A 42 -2.73 6.86 0.61
CA PHE A 42 -3.79 6.30 -0.21
C PHE A 42 -4.53 7.41 -0.96
N GLY A 43 -4.82 8.50 -0.24
CA GLY A 43 -5.52 9.61 -0.85
C GLY A 43 -7.03 9.63 -0.66
N SER A 44 -7.53 8.91 0.35
CA SER A 44 -8.94 8.93 0.66
C SER A 44 -9.10 8.48 2.11
N ALA A 45 -10.33 8.47 2.59
CA ALA A 45 -10.66 8.02 3.94
C ALA A 45 -11.68 6.91 3.85
N PRO A 46 -11.87 6.14 4.93
CA PRO A 46 -12.86 5.06 4.89
C PRO A 46 -14.23 5.56 4.43
N GLY A 47 -14.81 4.85 3.47
CA GLY A 47 -16.13 5.18 2.98
C GLY A 47 -16.18 6.18 1.82
N LEU A 48 -15.05 6.81 1.51
CA LEU A 48 -15.02 7.84 0.47
C LEU A 48 -14.55 7.31 -0.88
N GLY A 49 -14.24 6.03 -0.95
CA GLY A 49 -13.84 5.41 -2.20
C GLY A 49 -12.37 5.59 -2.55
N ALA A 50 -12.08 5.54 -3.84
CA ALA A 50 -10.72 5.45 -4.32
C ALA A 50 -9.94 6.75 -4.08
N GLY A 51 -8.67 6.60 -3.74
CA GLY A 51 -7.72 7.69 -3.73
C GLY A 51 -6.69 7.54 -4.84
N ASP A 52 -5.77 8.48 -4.93
CA ASP A 52 -4.88 8.49 -6.08
C ASP A 52 -3.82 7.38 -6.05
N ALA A 53 -3.64 6.68 -4.92
CA ALA A 53 -2.76 5.53 -4.95
C ALA A 53 -3.34 4.38 -5.79
N CYS A 54 -4.65 4.39 -6.01
CA CYS A 54 -5.33 3.23 -6.58
C CYS A 54 -4.83 2.86 -7.97
N GLY A 55 -4.41 1.61 -8.08
CA GLY A 55 -3.93 1.03 -9.32
C GLY A 55 -2.44 1.19 -9.57
N ARG A 56 -1.76 2.05 -8.79
CA ARG A 56 -0.34 2.23 -8.99
C ARG A 56 0.43 0.99 -8.54
N CYS A 57 1.56 0.76 -9.21
CA CYS A 57 2.39 -0.40 -8.97
C CYS A 57 3.71 0.02 -8.32
N PHE A 58 4.14 -0.77 -7.34
CA PHE A 58 5.33 -0.46 -6.55
C PHE A 58 6.16 -1.72 -6.33
N ALA A 59 7.47 -1.58 -6.49
CA ALA A 59 8.42 -2.60 -6.10
C ALA A 59 8.78 -2.40 -4.64
N LEU A 60 8.61 -3.46 -3.84
CA LEU A 60 8.80 -3.44 -2.41
C LEU A 60 10.01 -4.30 -2.04
N THR A 61 10.86 -3.81 -1.14
CA THR A 61 12.03 -4.54 -0.70
C THR A 61 12.17 -4.43 0.82
N GLY A 62 12.17 -5.57 1.49
CA GLY A 62 12.39 -5.62 2.93
C GLY A 62 13.86 -5.79 3.25
N ASN A 63 14.34 -5.07 4.27
CA ASN A 63 15.75 -5.15 4.64
C ASN A 63 16.01 -5.08 6.16
N HIS A 64 14.96 -5.21 6.96
CA HIS A 64 15.07 -5.07 8.41
CA HIS A 64 15.08 -5.16 8.42
C HIS A 64 13.83 -5.70 9.04
N ASP A 65 14.01 -6.45 10.13
CA ASP A 65 12.91 -6.93 10.95
C ASP A 65 12.90 -6.08 12.22
N PRO A 66 11.94 -5.15 12.36
CA PRO A 66 11.97 -4.21 13.48
C PRO A 66 11.69 -4.88 14.83
N TYR A 67 11.10 -6.07 14.82
CA TYR A 67 10.87 -6.81 16.06
C TYR A 67 12.08 -7.66 16.48
N SER A 68 12.94 -7.97 15.52
CA SER A 68 14.13 -8.77 15.75
C SER A 68 15.29 -8.07 15.05
N PRO A 69 15.77 -6.98 15.64
N PRO A 69 15.75 -6.95 15.63
CA PRO A 69 16.79 -6.18 14.99
CA PRO A 69 16.83 -6.18 15.01
C PRO A 69 18.14 -6.89 14.87
C PRO A 69 18.08 -7.00 14.74
N ASN A 70 18.35 -8.00 15.57
CA ASN A 70 19.58 -8.78 15.41
C ASN A 70 19.55 -9.69 14.17
N TYR A 71 18.39 -9.84 13.55
N TYR A 71 18.39 -9.82 13.53
CA TYR A 71 18.25 -10.66 12.35
CA TYR A 71 18.24 -10.67 12.34
C TYR A 71 18.90 -9.95 11.15
C TYR A 71 18.80 -10.01 11.08
N THR A 72 19.79 -10.64 10.46
CA THR A 72 20.48 -10.04 9.32
C THR A 72 20.01 -10.55 7.96
N GLY A 73 19.09 -11.50 7.98
CA GLY A 73 18.59 -12.09 6.76
C GLY A 73 18.59 -13.60 6.85
N PRO A 74 18.12 -14.28 5.79
CA PRO A 74 17.68 -13.67 4.54
C PRO A 74 16.33 -12.98 4.65
N PHE A 75 16.15 -11.98 3.81
CA PHE A 75 14.83 -11.40 3.63
C PHE A 75 14.15 -12.09 2.45
N GLY A 76 12.97 -11.61 2.06
CA GLY A 76 12.26 -12.21 0.96
C GLY A 76 12.73 -11.68 -0.38
N GLN A 77 11.92 -11.94 -1.40
CA GLN A 77 12.17 -11.35 -2.70
C GLN A 77 11.63 -9.93 -2.74
N THR A 78 12.18 -9.13 -3.65
CA THR A 78 11.51 -7.89 -4.05
C THR A 78 10.29 -8.30 -4.87
N ILE A 79 9.13 -7.71 -4.57
CA ILE A 79 7.92 -7.99 -5.31
C ILE A 79 7.32 -6.70 -5.85
N VAL A 80 6.51 -6.82 -6.88
CA VAL A 80 5.76 -5.70 -7.40
C VAL A 80 4.28 -5.90 -7.03
N VAL A 81 3.73 -4.96 -6.29
CA VAL A 81 2.33 -4.96 -5.93
C VAL A 81 1.60 -3.87 -6.69
N LYS A 82 0.29 -4.09 -6.86
CA LYS A 82 -0.65 -3.04 -7.25
C LYS A 82 -1.42 -2.63 -6.00
N VAL A 83 -1.48 -1.32 -5.73
CA VAL A 83 -2.28 -0.84 -4.62
C VAL A 83 -3.76 -0.89 -5.00
N THR A 84 -4.53 -1.67 -4.24
CA THR A 84 -5.97 -1.76 -4.43
C THR A 84 -6.74 -1.31 -3.20
N ASP A 85 -6.06 -1.01 -2.09
CA ASP A 85 -6.74 -0.95 -0.82
C ASP A 85 -6.11 0.10 0.10
N LEU A 86 -6.87 0.43 1.13
CA LEU A 86 -6.56 1.43 2.13
C LEU A 86 -6.25 0.76 3.47
N CYS A 87 -5.13 1.14 4.09
CA CYS A 87 -4.80 0.79 5.46
C CYS A 87 -5.11 2.06 6.27
N PRO A 88 -6.30 2.12 6.90
CA PRO A 88 -6.72 3.38 7.52
CA PRO A 88 -6.72 3.38 7.51
C PRO A 88 -5.95 3.68 8.80
N VAL A 89 -5.90 4.95 9.16
CA VAL A 89 -5.36 5.32 10.46
C VAL A 89 -6.12 4.57 11.57
N GLN A 90 -7.44 4.62 11.50
CA GLN A 90 -8.31 3.99 12.51
C GLN A 90 -8.01 2.50 12.61
N GLY A 91 -7.70 2.03 13.82
CA GLY A 91 -7.46 0.63 14.06
C GLY A 91 -6.07 0.13 13.70
N ASN A 92 -5.22 1.00 13.16
CA ASN A 92 -3.87 0.63 12.74
C ASN A 92 -2.83 1.63 13.21
N GLN A 93 -2.82 1.91 14.51
CA GLN A 93 -1.97 3.00 14.99
C GLN A 93 -0.47 2.68 14.89
N GLU A 94 -0.08 1.42 14.97
CA GLU A 94 1.33 1.11 14.93
C GLU A 94 1.93 1.38 13.54
N PHE A 95 1.19 0.99 12.51
CA PHE A 95 1.75 0.99 11.15
C PHE A 95 1.17 2.00 10.18
N CYS A 96 -0.12 2.35 10.32
CA CYS A 96 -0.78 3.17 9.29
C CYS A 96 -1.28 4.50 9.82
N GLY A 97 -0.79 4.91 10.98
CA GLY A 97 -1.26 6.13 11.61
C GLY A 97 -0.57 7.42 11.21
N GLN A 98 0.19 7.42 10.12
CA GLN A 98 0.81 8.64 9.64
C GLN A 98 -0.25 9.71 9.36
N THR A 99 0.04 10.94 9.78
CA THR A 99 -0.85 12.08 9.54
C THR A 99 -0.03 13.28 9.10
N THR A 100 -0.68 14.35 8.66
CA THR A 100 0.08 15.51 8.20
C THR A 100 0.89 16.15 9.34
N SER A 101 0.39 16.10 10.57
CA SER A 101 1.13 16.64 11.70
C SER A 101 2.20 15.68 12.26
N ASN A 102 2.02 14.39 12.03
CA ASN A 102 2.98 13.36 12.48
C ASN A 102 3.11 12.33 11.36
N PRO A 103 3.94 12.64 10.38
N PRO A 103 3.93 12.65 10.34
CA PRO A 103 3.91 11.85 9.15
CA PRO A 103 3.99 11.88 9.10
C PRO A 103 4.69 10.53 9.17
C PRO A 103 4.64 10.50 9.18
N THR A 104 5.13 10.07 10.33
CA THR A 104 5.73 8.74 10.45
C THR A 104 4.98 7.89 11.45
N ASN A 105 5.03 6.58 11.24
CA ASN A 105 4.39 5.64 12.15
C ASN A 105 5.30 5.30 13.33
N GLN A 106 4.91 4.29 14.12
CA GLN A 106 5.65 3.99 15.33
C GLN A 106 7.03 3.38 15.07
N HIS A 107 7.28 3.01 13.82
CA HIS A 107 8.56 2.50 13.36
C HIS A 107 9.35 3.55 12.59
N GLY A 108 8.88 4.79 12.66
CA GLY A 108 9.56 5.89 12.00
C GLY A 108 9.37 5.92 10.49
N MET A 109 8.42 5.15 9.98
CA MET A 109 8.27 5.01 8.53
C MET A 109 7.17 5.93 8.01
N PRO A 110 7.46 6.66 6.92
CA PRO A 110 6.48 7.59 6.35
C PRO A 110 5.41 6.94 5.48
N PHE A 111 5.58 5.65 5.17
CA PHE A 111 4.65 4.87 4.36
C PHE A 111 4.52 3.48 4.96
N HIS A 112 3.41 2.83 4.63
CA HIS A 112 3.21 1.43 5.02
C HIS A 112 2.48 0.72 3.91
N PHE A 113 2.96 -0.49 3.58
CA PHE A 113 2.25 -1.39 2.68
C PHE A 113 1.83 -2.64 3.46
N ASP A 114 0.53 -2.91 3.41
CA ASP A 114 -0.07 -4.12 3.98
C ASP A 114 -0.29 -5.05 2.78
N ILE A 115 0.52 -6.09 2.69
CA ILE A 115 0.55 -6.94 1.50
C ILE A 115 -0.51 -8.04 1.66
N CYS A 116 -1.36 -8.19 0.65
N CYS A 116 -1.35 -8.19 0.66
CA CYS A 116 -2.42 -9.17 0.75
CA CYS A 116 -2.43 -9.18 0.75
C CYS A 116 -1.84 -10.59 0.68
C CYS A 116 -1.91 -10.61 0.63
N GLU A 117 -2.25 -11.44 1.62
CA GLU A 117 -1.78 -12.81 1.66
C GLU A 117 -2.51 -13.67 0.63
N ASP A 118 -3.78 -13.36 0.38
CA ASP A 118 -4.68 -14.25 -0.36
C ASP A 118 -4.06 -14.69 -1.69
N THR A 119 -3.50 -13.73 -2.42
CA THR A 119 -3.07 -13.94 -3.79
C THR A 119 -1.56 -14.17 -3.93
N GLY A 120 -0.87 -14.34 -2.81
CA GLY A 120 0.49 -14.84 -2.82
C GLY A 120 1.59 -13.84 -2.57
N GLY A 121 1.28 -12.54 -2.50
CA GLY A 121 2.35 -11.57 -2.39
C GLY A 121 3.12 -11.72 -1.10
N SER A 122 2.42 -11.96 0.00
N SER A 122 2.39 -11.96 -0.02
CA SER A 122 3.11 -12.00 1.28
CA SER A 122 2.97 -12.09 1.31
C SER A 122 4.04 -13.22 1.37
C SER A 122 4.02 -13.20 1.34
N ALA A 123 3.69 -14.34 0.75
CA ALA A 123 4.56 -15.51 0.80
C ALA A 123 5.88 -15.28 0.05
N LYS A 124 5.85 -14.42 -0.98
CA LYS A 124 7.08 -14.08 -1.70
C LYS A 124 7.98 -13.15 -0.90
N PHE A 125 7.36 -12.30 -0.07
CA PHE A 125 8.04 -11.17 0.55
C PHE A 125 8.53 -11.45 1.98
N PHE A 126 7.71 -12.15 2.76
CA PHE A 126 8.02 -12.38 4.18
C PHE A 126 8.59 -13.76 4.41
N PRO A 127 9.82 -13.85 4.89
CA PRO A 127 10.34 -15.16 5.30
C PRO A 127 9.48 -15.74 6.40
N SER A 128 9.39 -17.07 6.45
CA SER A 128 8.71 -17.73 7.55
CA SER A 128 8.71 -17.73 7.55
C SER A 128 9.27 -17.23 8.87
N GLY A 129 8.39 -16.88 9.80
CA GLY A 129 8.81 -16.39 11.10
C GLY A 129 9.12 -14.90 11.14
N HIS A 130 8.94 -14.19 10.04
CA HIS A 130 9.22 -12.74 9.99
C HIS A 130 8.14 -12.05 9.18
N GLY A 131 7.00 -11.80 9.81
CA GLY A 131 5.81 -11.31 9.14
C GLY A 131 5.56 -9.82 9.16
N ALA A 132 6.58 -9.06 9.54
CA ALA A 132 6.55 -7.60 9.52
C ALA A 132 7.98 -7.13 9.34
N LEU A 133 8.19 -6.20 8.42
CA LEU A 133 9.53 -5.75 8.04
C LEU A 133 9.51 -4.25 7.80
N THR A 134 10.70 -3.66 7.66
CA THR A 134 10.82 -2.34 7.07
C THR A 134 11.79 -2.43 5.88
N GLY A 135 11.76 -1.38 5.06
CA GLY A 135 12.58 -1.37 3.85
C GLY A 135 12.16 -0.22 2.95
N THR A 136 12.15 -0.49 1.64
CA THR A 136 11.98 0.54 0.64
C THR A 136 10.88 0.18 -0.33
N PHE A 137 10.42 1.22 -1.03
CA PHE A 137 9.53 1.03 -2.16
C PHE A 137 9.91 2.00 -3.26
N THR A 138 9.57 1.62 -4.50
N THR A 138 9.57 1.62 -4.48
CA THR A 138 9.73 2.50 -5.64
CA THR A 138 9.67 2.54 -5.60
C THR A 138 8.55 2.23 -6.58
C THR A 138 8.59 2.24 -6.62
N GLU A 139 7.90 3.29 -7.04
CA GLU A 139 6.84 3.13 -8.02
C GLU A 139 7.44 2.72 -9.36
N VAL A 140 6.82 1.73 -10.00
CA VAL A 140 7.27 1.24 -11.28
C VAL A 140 6.11 1.24 -12.25
N SER A 141 6.42 1.06 -13.53
CA SER A 141 5.36 0.80 -14.48
C SER A 141 4.63 -0.49 -14.11
N CYS A 142 3.31 -0.50 -14.33
CA CYS A 142 2.57 -1.72 -14.15
C CYS A 142 2.89 -2.77 -15.22
N SER A 143 3.74 -2.44 -16.20
CA SER A 143 4.31 -3.49 -17.04
C SER A 143 5.08 -4.52 -16.20
N GLN A 144 5.51 -4.11 -15.01
CA GLN A 144 6.31 -4.96 -14.12
C GLN A 144 5.44 -5.81 -13.19
N TRP A 145 4.11 -5.68 -13.30
CA TRP A 145 3.17 -6.36 -12.43
C TRP A 145 2.38 -7.40 -13.21
N SER A 146 2.37 -8.62 -12.70
CA SER A 146 1.57 -9.69 -13.27
C SER A 146 0.18 -9.66 -12.65
N GLY A 147 -0.86 -9.88 -13.45
CA GLY A 147 -2.19 -9.99 -12.91
C GLY A 147 -3.24 -9.30 -13.75
N SER A 148 -4.48 -9.47 -13.32
CA SER A 148 -5.64 -8.90 -13.99
C SER A 148 -6.56 -8.26 -12.97
N ASP A 149 -7.08 -7.09 -13.31
CA ASP A 149 -8.00 -6.43 -12.41
C ASP A 149 -9.34 -7.15 -12.34
N GLY A 150 -9.96 -7.08 -11.16
CA GLY A 150 -11.33 -7.50 -11.01
C GLY A 150 -12.31 -6.44 -11.49
N GLY A 151 -13.58 -6.82 -11.51
CA GLY A 151 -14.61 -5.91 -11.94
C GLY A 151 -14.95 -4.85 -10.91
N GLN A 152 -15.53 -3.75 -11.40
N GLN A 152 -15.55 -3.76 -11.40
CA GLN A 152 -16.00 -2.70 -10.51
CA GLN A 152 -16.02 -2.68 -10.52
C GLN A 152 -16.99 -3.25 -9.50
C GLN A 152 -17.05 -3.18 -9.52
N LEU A 153 -16.81 -2.89 -8.24
CA LEU A 153 -17.67 -3.36 -7.17
C LEU A 153 -18.74 -2.35 -6.78
N TRP A 154 -18.57 -1.11 -7.23
CA TRP A 154 -19.50 -0.03 -6.96
C TRP A 154 -19.16 1.13 -7.89
N ASN A 155 -20.13 2.02 -8.08
N ASN A 155 -20.12 2.02 -8.10
CA ASN A 155 -19.93 3.21 -8.87
CA ASN A 155 -19.90 3.16 -8.97
C ASN A 155 -18.77 4.02 -8.31
C ASN A 155 -18.86 4.11 -8.39
N GLY A 156 -17.87 4.43 -9.20
CA GLY A 156 -16.73 5.23 -8.77
C GLY A 156 -15.48 4.43 -8.49
N ALA A 157 -15.58 3.09 -8.55
CA ALA A 157 -14.40 2.25 -8.37
C ALA A 157 -13.35 2.63 -9.38
N CYS A 158 -12.08 2.54 -9.00
CA CYS A 158 -11.02 3.06 -9.86
C CYS A 158 -9.68 2.40 -9.56
N LEU A 159 -9.03 1.91 -10.63
CA LEU A 159 -7.62 1.50 -10.58
C LEU A 159 -6.82 2.21 -11.70
N SER A 160 -7.29 3.38 -12.13
CA SER A 160 -6.69 4.10 -13.25
CA SER A 160 -6.67 4.02 -13.28
C SER A 160 -5.24 4.52 -13.03
N GLY A 161 -4.77 4.52 -11.78
CA GLY A 161 -3.36 4.73 -11.53
C GLY A 161 -2.47 3.72 -12.23
N GLU A 162 -3.04 2.59 -12.66
CA GLU A 162 -2.27 1.55 -13.32
C GLU A 162 -1.71 1.95 -14.68
N THR A 163 -2.21 3.05 -15.27
CA THR A 163 -1.66 3.52 -16.54
C THR A 163 -1.05 4.91 -16.41
N ALA A 164 -0.95 5.44 -15.19
CA ALA A 164 -0.44 6.79 -15.00
C ALA A 164 1.08 6.83 -14.91
N PRO A 165 1.68 7.94 -15.32
CA PRO A 165 3.07 8.17 -14.94
C PRO A 165 3.19 8.18 -13.42
N ASN A 166 4.40 7.95 -12.92
CA ASN A 166 4.61 7.92 -11.49
C ASN A 166 4.24 9.25 -10.85
N TRP A 167 3.91 9.21 -9.56
CA TRP A 167 3.77 10.44 -8.80
C TRP A 167 5.02 11.29 -8.99
N PRO A 168 4.87 12.62 -9.12
CA PRO A 168 3.62 13.37 -9.03
C PRO A 168 2.83 13.31 -10.33
N SER A 169 1.55 13.00 -10.20
CA SER A 169 0.60 12.91 -11.30
C SER A 169 -0.75 12.60 -10.68
N THR A 170 -1.79 12.64 -11.50
CA THR A 170 -3.15 12.38 -11.04
C THR A 170 -3.82 11.36 -11.96
N ALA A 171 -4.44 10.36 -11.35
CA ALA A 171 -5.22 9.37 -12.06
C ALA A 171 -6.60 9.31 -11.40
N CYS A 172 -6.79 8.44 -10.40
CA CYS A 172 -8.10 8.39 -9.75
C CYS A 172 -8.43 9.67 -8.98
N GLY A 173 -7.40 10.33 -8.45
CA GLY A 173 -7.60 11.54 -7.68
C GLY A 173 -7.82 11.29 -6.20
N ASN A 174 -7.44 12.27 -5.39
CA ASN A 174 -7.64 12.18 -3.96
C ASN A 174 -8.98 12.73 -3.53
N LYS A 175 -9.50 12.17 -2.45
CA LYS A 175 -10.81 12.52 -1.90
CA LYS A 175 -10.78 12.58 -1.93
C LYS A 175 -10.63 13.16 -0.54
N GLY A 176 -11.21 14.34 -0.37
CA GLY A 176 -11.14 15.04 0.88
C GLY A 176 -9.72 15.40 1.28
N THR A 177 -9.56 15.59 2.57
CA THR A 177 -8.30 16.04 3.14
C THR A 177 -7.67 14.94 3.99
N ALA A 178 -6.36 14.85 3.86
CA ALA A 178 -5.54 13.93 4.61
C ALA A 178 -5.77 14.08 6.11
N PRO A 179 -5.64 12.97 6.84
CA PRO A 179 -5.81 13.05 8.30
C PRO A 179 -4.72 13.95 8.91
N SER A 180 -5.12 14.77 9.87
CA SER A 180 -4.20 15.74 10.47
C SER A 180 -3.43 15.17 11.65
#